data_9IIP
#
_entry.id   9IIP
#
_cell.length_a   95.012
_cell.length_b   120.770
_cell.length_c   164.979
_cell.angle_alpha   90.000
_cell.angle_beta   90.000
_cell.angle_gamma   90.000
#
_symmetry.space_group_name_H-M   'F 2 2 2'
#
loop_
_entity.id
_entity.type
_entity.pdbx_description
1 polymer 'L-fucokinase/L-fucose-1-P guanylyltransferase'
2 non-polymer 6-deoxy-1-O-phosphono-beta-L-galactopyranose
3 water water
#
_entity_poly.entity_id   1
_entity_poly.type   'polypeptide(L)'
_entity_poly.pdbx_seq_one_letter_code
;RIHNRMLRARILKLDGKDYRPEEQAAFDLLRDGLLDGISNRKSTPKLDVYSDQIVWGRSPVRIDMAGGWTDTPPYSLYSG
GNVVNLAIELNGQPPLQVYVKPCKDFHIVLRSIDMGAMEIVSTFDELQDYKKIGSPFSIPKAALSLAGFAPAFSAVSYAS
LEEQLKDFGAGIEVTLLAAIPAGSGLGTSSILASTVLGAINDFCGLAWDKNEICQRTLVLEQLLTTGGGWQDQYGGVLQG
VKLLQTEAGFAQSPLVRWLPDHLFTHPEYKDCHLLYYTGITRTAKGILAEIVSSMFLNSSLHLNLLSEMKAHALDMNEAI
QRGSFVEFGRLVGKTWEQNKALDSGTNPPAVEAIIDLIKDYTLGYKLPGAGGGGYLYMVAKDPQAAVRIRKILTENAPNP
RARFVEMTLSDKGFQVSRS
;
_entity_poly.pdbx_strand_id   A
#
# COMPACT_ATOMS: atom_id res chain seq x y z
N ARG A 41 -4.38 -8.92 20.68
CA ARG A 41 -5.49 -9.72 21.20
C ARG A 41 -5.55 -11.07 20.49
N LYS A 42 -6.28 -12.02 21.08
CA LYS A 42 -6.53 -13.31 20.47
C LYS A 42 -7.89 -13.29 19.77
N SER A 43 -7.97 -14.02 18.66
CA SER A 43 -9.15 -14.03 17.81
C SER A 43 -9.79 -15.41 17.78
N THR A 44 -11.10 -15.42 17.49
CA THR A 44 -11.90 -16.64 17.40
C THR A 44 -12.55 -16.68 16.02
N PRO A 45 -11.85 -17.20 15.01
CA PRO A 45 -12.41 -17.23 13.65
C PRO A 45 -13.58 -18.20 13.57
N LYS A 46 -14.76 -17.67 13.24
CA LYS A 46 -15.97 -18.45 13.03
C LYS A 46 -16.51 -18.18 11.63
N LEU A 47 -16.90 -19.26 10.94
CA LEU A 47 -17.36 -19.16 9.57
C LEU A 47 -18.62 -18.31 9.47
N ASP A 48 -18.45 -17.06 9.03
CA ASP A 48 -19.53 -16.09 8.96
C ASP A 48 -20.12 -15.98 7.57
N VAL A 49 -19.86 -16.95 6.70
CA VAL A 49 -20.30 -16.89 5.30
C VAL A 49 -20.95 -18.21 4.94
N TYR A 50 -21.83 -18.17 3.94
CA TYR A 50 -22.44 -19.39 3.43
C TYR A 50 -21.40 -20.24 2.70
N SER A 51 -21.75 -21.51 2.48
CA SER A 51 -20.81 -22.44 1.87
C SER A 51 -20.65 -22.23 0.37
N ASP A 52 -21.61 -21.58 -0.29
CA ASP A 52 -21.56 -21.30 -1.71
C ASP A 52 -21.31 -19.82 -1.98
N GLN A 53 -20.42 -19.21 -1.21
CA GLN A 53 -20.20 -17.77 -1.29
C GLN A 53 -18.71 -17.47 -1.25
N ILE A 54 -18.34 -16.32 -1.82
CA ILE A 54 -16.94 -15.88 -1.89
C ILE A 54 -16.86 -14.47 -1.33
N VAL A 55 -15.84 -14.21 -0.52
CA VAL A 55 -15.56 -12.88 0.02
C VAL A 55 -14.54 -12.21 -0.88
N TRP A 56 -14.88 -11.03 -1.40
CA TRP A 56 -14.00 -10.27 -2.28
C TRP A 56 -13.59 -9.00 -1.55
N GLY A 57 -12.31 -8.87 -1.25
CA GLY A 57 -11.75 -7.66 -0.69
C GLY A 57 -10.83 -7.01 -1.72
N ARG A 58 -10.78 -5.68 -1.71
CA ARG A 58 -9.94 -4.99 -2.67
C ARG A 58 -9.62 -3.59 -2.14
N SER A 59 -8.43 -3.12 -2.51
CA SER A 59 -7.87 -1.89 -2.02
C SER A 59 -7.12 -1.17 -3.13
N PRO A 60 -7.22 0.15 -3.17
CA PRO A 60 -6.38 0.93 -4.07
C PRO A 60 -4.96 0.98 -3.54
N VAL A 61 -4.06 1.48 -4.38
CA VAL A 61 -2.67 1.69 -3.95
C VAL A 61 -2.57 3.06 -3.31
N ARG A 62 -1.35 3.56 -3.17
CA ARG A 62 -1.12 4.75 -2.37
C ARG A 62 0.09 5.50 -2.92
N ILE A 63 -0.06 6.82 -3.03
CA ILE A 63 1.04 7.72 -3.36
C ILE A 63 1.28 8.62 -2.16
N ASP A 64 2.52 8.62 -1.65
CA ASP A 64 2.90 9.52 -0.59
C ASP A 64 3.35 10.85 -1.19
N MET A 65 2.73 11.94 -0.73
CA MET A 65 3.10 13.27 -1.17
C MET A 65 4.25 13.85 -0.36
N ALA A 66 4.30 13.60 0.94
CA ALA A 66 5.38 14.14 1.74
C ALA A 66 5.50 13.39 3.05
N GLY A 67 6.68 13.47 3.65
CA GLY A 67 6.91 12.94 4.97
C GLY A 67 7.36 11.50 5.02
N GLY A 68 7.24 10.76 3.91
CA GLY A 68 7.73 9.39 3.84
C GLY A 68 9.13 9.27 4.39
N TRP A 69 9.42 8.13 5.05
CA TRP A 69 10.64 7.80 5.78
C TRP A 69 10.54 8.23 7.24
N THR A 70 9.78 9.29 7.55
CA THR A 70 9.56 9.62 8.94
C THR A 70 8.64 8.62 9.63
N ASP A 71 7.98 7.75 8.87
CA ASP A 71 7.17 6.67 9.44
C ASP A 71 7.95 5.38 9.59
N THR A 72 9.16 5.31 9.06
CA THR A 72 9.93 4.07 9.01
C THR A 72 10.74 3.90 10.29
N PRO A 73 10.66 2.74 10.94
CA PRO A 73 11.49 2.48 12.12
C PRO A 73 12.97 2.56 11.76
N PRO A 74 13.81 3.07 12.67
CA PRO A 74 13.43 3.46 14.02
C PRO A 74 13.22 4.96 14.25
N TYR A 75 13.45 5.80 13.24
CA TYR A 75 13.36 7.24 13.46
C TYR A 75 11.98 7.65 13.98
N SER A 76 10.93 6.96 13.55
CA SER A 76 9.59 7.25 14.05
C SER A 76 9.48 7.12 15.56
N LEU A 77 10.39 6.37 16.19
CA LEU A 77 10.32 6.13 17.63
C LEU A 77 10.97 7.25 18.44
N TYR A 78 11.59 8.24 17.79
CA TYR A 78 12.23 9.35 18.49
C TYR A 78 11.41 10.63 18.37
N SER A 79 11.17 11.08 17.14
CA SER A 79 10.44 12.32 16.91
C SER A 79 8.99 12.10 16.51
N GLY A 80 8.63 10.88 16.12
CA GLY A 80 7.35 10.63 15.49
C GLY A 80 7.38 10.97 14.02
N GLY A 81 6.34 10.54 13.31
CA GLY A 81 6.28 10.70 11.87
C GLY A 81 5.11 11.57 11.44
N ASN A 82 5.34 12.35 10.39
CA ASN A 82 4.28 13.08 9.69
C ASN A 82 4.32 12.65 8.23
N VAL A 83 3.21 12.15 7.72
CA VAL A 83 3.14 11.68 6.33
C VAL A 83 1.83 12.14 5.71
N VAL A 84 1.92 12.91 4.64
CA VAL A 84 0.77 13.20 3.79
C VAL A 84 0.82 12.23 2.62
N ASN A 85 -0.23 11.39 2.51
CA ASN A 85 -0.34 10.46 1.40
C ASN A 85 -1.79 10.42 0.93
N LEU A 86 -2.09 9.52 -0.01
CA LEU A 86 -3.34 9.56 -0.76
C LEU A 86 -3.60 8.20 -1.39
N ALA A 87 -4.86 7.77 -1.38
CA ALA A 87 -5.28 6.51 -1.98
C ALA A 87 -5.71 6.73 -3.42
N ILE A 88 -5.20 5.89 -4.33
CA ILE A 88 -5.48 6.05 -5.75
C ILE A 88 -5.79 4.69 -6.37
N GLU A 89 -6.80 4.68 -7.24
CA GLU A 89 -7.06 3.56 -8.13
C GLU A 89 -6.30 3.78 -9.43
N LEU A 90 -5.81 2.67 -10.00
CA LEU A 90 -5.05 2.68 -11.25
C LEU A 90 -5.95 2.18 -12.38
N ASN A 91 -6.10 3.00 -13.42
CA ASN A 91 -6.94 2.67 -14.58
C ASN A 91 -8.36 2.30 -14.15
N GLY A 92 -8.85 3.00 -13.12
CA GLY A 92 -10.22 2.87 -12.68
C GLY A 92 -10.53 1.67 -11.81
N GLN A 93 -9.53 0.96 -11.29
CA GLN A 93 -9.79 -0.22 -10.48
C GLN A 93 -8.90 -0.22 -9.24
N PRO A 94 -9.37 -0.86 -8.17
CA PRO A 94 -8.48 -1.15 -7.04
C PRO A 94 -7.51 -2.26 -7.40
N PRO A 95 -6.21 -1.99 -7.40
CA PRO A 95 -5.26 -3.00 -7.90
C PRO A 95 -5.06 -4.19 -6.98
N LEU A 96 -5.26 -4.04 -5.67
CA LEU A 96 -4.90 -5.11 -4.73
C LEU A 96 -6.15 -5.85 -4.30
N GLN A 97 -6.31 -7.10 -4.75
CA GLN A 97 -7.56 -7.83 -4.55
C GLN A 97 -7.30 -9.22 -3.97
N VAL A 98 -8.30 -9.71 -3.24
CA VAL A 98 -8.22 -11.00 -2.54
C VAL A 98 -9.59 -11.66 -2.58
N TYR A 99 -9.62 -12.93 -2.96
CA TYR A 99 -10.82 -13.76 -2.89
C TYR A 99 -10.62 -14.83 -1.83
N VAL A 100 -11.57 -14.95 -0.91
CA VAL A 100 -11.54 -15.96 0.13
C VAL A 100 -12.78 -16.83 0.00
N LYS A 101 -12.59 -18.15 0.03
CA LYS A 101 -13.65 -19.08 -0.29
C LYS A 101 -13.61 -20.29 0.63
N PRO A 102 -14.77 -20.85 0.99
CA PRO A 102 -14.76 -22.16 1.66
C PRO A 102 -14.21 -23.23 0.75
N CYS A 103 -13.55 -24.21 1.35
CA CYS A 103 -12.88 -25.28 0.61
C CYS A 103 -13.40 -26.62 1.09
N LYS A 104 -13.78 -27.48 0.15
CA LYS A 104 -14.31 -28.80 0.49
C LYS A 104 -13.33 -29.57 1.37
N ASP A 105 -12.08 -29.65 0.95
CA ASP A 105 -11.06 -30.30 1.76
C ASP A 105 -10.76 -29.46 3.00
N PHE A 106 -10.21 -30.11 4.01
CA PHE A 106 -9.96 -29.48 5.30
C PHE A 106 -8.51 -29.02 5.38
N HIS A 107 -8.18 -28.03 4.54
CA HIS A 107 -6.84 -27.46 4.50
C HIS A 107 -6.95 -26.03 3.97
N ILE A 108 -5.81 -25.44 3.62
CA ILE A 108 -5.73 -24.08 3.13
C ILE A 108 -5.03 -24.09 1.77
N VAL A 109 -5.61 -23.39 0.80
CA VAL A 109 -5.12 -23.39 -0.57
C VAL A 109 -4.81 -21.94 -0.95
N LEU A 110 -3.52 -21.63 -1.12
CA LEU A 110 -3.09 -20.29 -1.50
C LEU A 110 -2.80 -20.27 -3.00
N ARG A 111 -3.34 -19.26 -3.69
CA ARG A 111 -3.14 -19.11 -5.12
C ARG A 111 -2.81 -17.66 -5.45
N SER A 112 -2.06 -17.48 -6.53
CA SER A 112 -1.65 -16.16 -7.01
C SER A 112 -1.93 -16.08 -8.51
N ILE A 113 -2.75 -15.10 -8.90
CA ILE A 113 -3.10 -14.90 -10.30
C ILE A 113 -1.99 -14.18 -11.04
N ASP A 114 -1.46 -13.11 -10.44
CA ASP A 114 -0.43 -12.32 -11.11
C ASP A 114 0.86 -13.10 -11.29
N MET A 115 1.11 -14.09 -10.43
CA MET A 115 2.26 -14.97 -10.58
C MET A 115 1.88 -16.37 -11.05
N GLY A 116 0.60 -16.72 -11.01
CA GLY A 116 0.16 -18.05 -11.41
C GLY A 116 0.78 -19.14 -10.56
N ALA A 117 0.74 -18.97 -9.24
CA ALA A 117 1.40 -19.89 -8.32
C ALA A 117 0.36 -20.50 -7.38
N MET A 118 0.71 -21.66 -6.81
CA MET A 118 -0.20 -22.35 -5.91
C MET A 118 0.61 -23.04 -4.81
N GLU A 119 -0.01 -23.13 -3.63
CA GLU A 119 0.60 -23.79 -2.50
C GLU A 119 -0.51 -24.33 -1.59
N ILE A 120 -0.21 -25.41 -0.90
CA ILE A 120 -1.13 -26.05 0.04
C ILE A 120 -0.53 -25.98 1.44
N VAL A 121 -1.31 -25.47 2.39
CA VAL A 121 -0.92 -25.39 3.79
C VAL A 121 -1.92 -26.22 4.59
N SER A 122 -1.42 -27.23 5.29
CA SER A 122 -2.28 -28.13 6.05
C SER A 122 -1.90 -28.27 7.52
N THR A 123 -0.75 -27.75 7.95
CA THR A 123 -0.32 -27.84 9.33
C THR A 123 0.04 -26.46 9.85
N PHE A 124 0.07 -26.32 11.18
CA PHE A 124 0.56 -25.08 11.79
C PHE A 124 2.01 -24.84 11.43
N ASP A 125 2.78 -25.91 11.24
CA ASP A 125 4.19 -25.77 10.92
C ASP A 125 4.40 -25.21 9.52
N GLU A 126 3.47 -25.50 8.60
CA GLU A 126 3.56 -24.94 7.25
C GLU A 126 3.00 -23.53 7.19
N LEU A 127 1.90 -23.27 7.90
CA LEU A 127 1.29 -21.95 7.90
C LEU A 127 2.24 -20.90 8.47
N GLN A 128 2.88 -21.21 9.59
CA GLN A 128 3.81 -20.30 10.23
C GLN A 128 5.20 -20.32 9.59
N ASP A 129 5.40 -21.15 8.56
CA ASP A 129 6.62 -21.13 7.77
C ASP A 129 6.51 -19.98 6.78
N TYR A 130 6.88 -18.79 7.23
CA TYR A 130 6.60 -17.58 6.46
C TYR A 130 7.55 -17.41 5.28
N LYS A 131 8.83 -17.72 5.45
CA LYS A 131 9.77 -17.58 4.34
C LYS A 131 10.15 -18.93 3.76
N LYS A 132 9.14 -19.77 3.52
CA LYS A 132 9.34 -20.95 2.68
C LYS A 132 9.91 -20.52 1.34
N ILE A 133 11.07 -21.08 0.99
CA ILE A 133 11.80 -20.59 -0.17
C ILE A 133 10.97 -20.82 -1.43
N GLY A 134 10.89 -19.79 -2.27
CA GLY A 134 10.07 -19.84 -3.46
C GLY A 134 8.61 -19.53 -3.25
N SER A 135 8.18 -19.29 -2.01
CA SER A 135 6.78 -19.03 -1.72
C SER A 135 6.52 -17.53 -1.70
N PRO A 136 5.72 -16.98 -2.62
CA PRO A 136 5.34 -15.57 -2.54
C PRO A 136 4.13 -15.37 -1.63
N PHE A 137 3.88 -16.33 -0.74
CA PHE A 137 2.68 -16.33 0.09
C PHE A 137 3.01 -16.12 1.56
N SER A 138 4.07 -15.35 1.86
CA SER A 138 4.36 -15.01 3.25
C SER A 138 3.24 -14.16 3.84
N ILE A 139 2.73 -13.22 3.06
CA ILE A 139 1.72 -12.26 3.51
C ILE A 139 0.43 -12.96 3.91
N PRO A 140 -0.20 -13.77 3.04
CA PRO A 140 -1.46 -14.42 3.47
C PRO A 140 -1.25 -15.44 4.56
N LYS A 141 -0.10 -16.11 4.61
CA LYS A 141 0.20 -17.00 5.72
C LYS A 141 0.19 -16.24 7.05
N ALA A 142 0.94 -15.14 7.11
CA ALA A 142 0.98 -14.36 8.34
C ALA A 142 -0.39 -13.78 8.67
N ALA A 143 -1.17 -13.41 7.64
CA ALA A 143 -2.50 -12.85 7.88
C ALA A 143 -3.44 -13.90 8.48
N LEU A 144 -3.44 -15.10 7.92
CA LEU A 144 -4.24 -16.19 8.48
C LEU A 144 -3.79 -16.51 9.90
N SER A 145 -2.48 -16.44 10.14
CA SER A 145 -1.97 -16.67 11.50
C SER A 145 -2.53 -15.64 12.48
N LEU A 146 -2.47 -14.36 12.11
CA LEU A 146 -2.97 -13.29 12.98
C LEU A 146 -4.48 -13.40 13.19
N ALA A 147 -5.20 -14.01 12.26
CA ALA A 147 -6.65 -14.11 12.36
C ALA A 147 -7.10 -15.21 13.32
N GLY A 148 -6.18 -15.92 13.96
CA GLY A 148 -6.52 -16.98 14.87
C GLY A 148 -6.36 -18.38 14.34
N PHE A 149 -5.54 -18.57 13.30
CA PHE A 149 -5.27 -19.90 12.76
C PHE A 149 -3.87 -20.38 13.12
N ALA A 150 -3.15 -19.64 13.96
CA ALA A 150 -1.89 -20.02 14.57
C ALA A 150 -2.09 -20.18 16.08
N PRO A 151 -1.32 -21.05 16.73
CA PRO A 151 -1.57 -21.31 18.16
C PRO A 151 -1.43 -20.08 19.04
N ALA A 152 -0.54 -19.15 18.70
CA ALA A 152 -0.29 -18.01 19.58
C ALA A 152 -1.43 -17.00 19.53
N PHE A 153 -2.06 -16.83 18.36
CA PHE A 153 -3.05 -15.79 18.17
C PHE A 153 -4.49 -16.30 18.26
N SER A 154 -4.68 -17.60 18.42
CA SER A 154 -6.02 -18.16 18.58
C SER A 154 -6.41 -18.16 20.05
N ALA A 155 -7.60 -17.61 20.36
CA ALA A 155 -8.07 -17.63 21.73
C ALA A 155 -8.38 -19.05 22.19
N VAL A 156 -9.02 -19.84 21.33
CA VAL A 156 -9.26 -21.25 21.60
C VAL A 156 -8.05 -22.05 21.13
N SER A 157 -7.58 -22.96 21.96
CA SER A 157 -6.43 -23.79 21.63
C SER A 157 -6.89 -25.07 20.94
N TYR A 158 -6.31 -25.34 19.78
CA TYR A 158 -6.56 -26.55 19.02
C TYR A 158 -5.28 -27.36 18.92
N ALA A 159 -5.41 -28.59 18.43
CA ALA A 159 -4.27 -29.50 18.29
C ALA A 159 -3.70 -29.55 16.88
N SER A 160 -4.57 -29.64 15.87
CA SER A 160 -4.12 -29.65 14.48
C SER A 160 -4.98 -28.69 13.67
N LEU A 161 -4.42 -28.26 12.53
CA LEU A 161 -5.17 -27.37 11.65
C LEU A 161 -6.44 -28.03 11.14
N GLU A 162 -6.38 -29.33 10.84
CA GLU A 162 -7.54 -30.04 10.33
C GLU A 162 -8.71 -29.95 11.32
N GLU A 163 -8.44 -30.21 12.60
CA GLU A 163 -9.48 -30.10 13.62
C GLU A 163 -9.98 -28.67 13.72
N GLN A 164 -9.07 -27.70 13.60
CA GLN A 164 -9.45 -26.29 13.76
C GLN A 164 -10.45 -25.88 12.69
N LEU A 165 -10.15 -26.18 11.41
CA LEU A 165 -11.08 -25.80 10.36
C LEU A 165 -12.17 -26.85 10.11
N LYS A 166 -12.16 -27.97 10.83
CA LYS A 166 -13.34 -28.83 10.86
C LYS A 166 -14.36 -28.28 11.84
N ASP A 167 -13.91 -27.77 12.98
CA ASP A 167 -14.82 -27.04 13.87
C ASP A 167 -15.22 -25.71 13.25
N PHE A 168 -14.34 -25.12 12.44
CA PHE A 168 -14.66 -23.87 11.74
C PHE A 168 -15.70 -24.09 10.66
N GLY A 169 -15.72 -25.28 10.04
CA GLY A 169 -16.70 -25.59 9.03
C GLY A 169 -16.13 -26.33 7.84
N ALA A 170 -15.08 -25.77 7.24
CA ALA A 170 -14.42 -26.34 6.08
C ALA A 170 -13.04 -25.72 5.97
N GLY A 171 -12.34 -26.04 4.88
CA GLY A 171 -11.05 -25.43 4.61
C GLY A 171 -11.20 -24.02 4.07
N ILE A 172 -10.05 -23.37 3.85
CA ILE A 172 -10.02 -21.99 3.38
C ILE A 172 -9.19 -21.94 2.09
N GLU A 173 -9.66 -21.13 1.14
CA GLU A 173 -9.03 -20.99 -0.17
C GLU A 173 -8.84 -19.50 -0.42
N VAL A 174 -7.59 -19.04 -0.44
CA VAL A 174 -7.26 -17.63 -0.59
C VAL A 174 -6.55 -17.45 -1.93
N THR A 175 -7.07 -16.54 -2.75
CA THR A 175 -6.54 -16.25 -4.07
C THR A 175 -6.21 -14.76 -4.14
N LEU A 176 -4.96 -14.44 -4.41
CA LEU A 176 -4.48 -13.06 -4.42
C LEU A 176 -4.33 -12.55 -5.84
N LEU A 177 -4.50 -11.23 -6.00
CA LEU A 177 -4.25 -10.56 -7.28
C LEU A 177 -3.60 -9.22 -6.98
N ALA A 178 -2.35 -9.08 -7.43
CA ALA A 178 -1.59 -7.83 -7.32
C ALA A 178 -1.02 -7.55 -8.72
N ALA A 179 -1.85 -6.96 -9.59
CA ALA A 179 -1.46 -6.72 -10.96
C ALA A 179 -0.52 -5.53 -11.07
N ILE A 180 0.58 -5.55 -10.31
CA ILE A 180 1.55 -4.46 -10.31
C ILE A 180 2.96 -5.04 -10.22
N PRO A 181 3.85 -4.68 -11.14
CA PRO A 181 5.25 -5.10 -11.01
C PRO A 181 5.83 -4.66 -9.67
N ALA A 182 6.43 -5.61 -8.96
CA ALA A 182 6.94 -5.36 -7.62
C ALA A 182 8.05 -4.32 -7.65
N GLY A 183 8.35 -3.77 -6.47
CA GLY A 183 9.26 -2.65 -6.40
C GLY A 183 8.69 -1.36 -6.92
N SER A 184 7.36 -1.26 -6.99
CA SER A 184 6.71 -0.08 -7.55
C SER A 184 6.83 1.12 -6.62
N GLY A 185 6.86 0.89 -5.31
CA GLY A 185 6.81 1.97 -4.35
C GLY A 185 5.42 2.47 -4.06
N LEU A 186 4.38 1.74 -4.47
CA LEU A 186 3.00 2.15 -4.26
C LEU A 186 2.38 1.49 -3.02
N GLY A 187 3.21 1.07 -2.06
CA GLY A 187 2.70 0.41 -0.88
C GLY A 187 2.07 -0.93 -1.13
N THR A 188 2.47 -1.63 -2.21
CA THR A 188 1.78 -2.85 -2.62
C THR A 188 1.79 -3.90 -1.51
N SER A 189 2.95 -4.09 -0.86
CA SER A 189 3.08 -5.16 0.12
C SER A 189 2.14 -4.96 1.30
N SER A 190 2.25 -3.80 1.97
CA SER A 190 1.47 -3.57 3.18
C SER A 190 -0.01 -3.43 2.88
N ILE A 191 -0.37 -2.79 1.77
CA ILE A 191 -1.79 -2.64 1.44
C ILE A 191 -2.39 -3.99 1.06
N LEU A 192 -1.62 -4.84 0.38
CA LEU A 192 -2.10 -6.19 0.09
C LEU A 192 -2.26 -7.00 1.36
N ALA A 193 -1.33 -6.82 2.31
CA ALA A 193 -1.46 -7.47 3.61
C ALA A 193 -2.74 -7.03 4.30
N SER A 194 -3.02 -5.73 4.30
CA SER A 194 -4.25 -5.22 4.89
C SER A 194 -5.48 -5.75 4.16
N THR A 195 -5.38 -5.92 2.84
CA THR A 195 -6.51 -6.43 2.07
C THR A 195 -6.79 -7.88 2.43
N VAL A 196 -5.74 -8.70 2.56
CA VAL A 196 -5.92 -10.08 3.02
C VAL A 196 -6.52 -10.09 4.42
N LEU A 197 -6.04 -9.22 5.30
CA LEU A 197 -6.54 -9.18 6.67
C LEU A 197 -8.02 -8.80 6.70
N GLY A 198 -8.41 -7.83 5.87
CA GLY A 198 -9.81 -7.42 5.85
C GLY A 198 -10.71 -8.47 5.22
N ALA A 199 -10.22 -9.13 4.16
CA ALA A 199 -10.97 -10.23 3.57
C ALA A 199 -11.20 -11.35 4.58
N ILE A 200 -10.16 -11.70 5.34
CA ILE A 200 -10.30 -12.73 6.36
C ILE A 200 -11.18 -12.25 7.51
N ASN A 201 -11.11 -10.97 7.85
CA ASN A 201 -11.97 -10.41 8.89
C ASN A 201 -13.43 -10.51 8.52
N ASP A 202 -13.76 -10.18 7.26
CA ASP A 202 -15.13 -10.36 6.79
C ASP A 202 -15.49 -11.84 6.68
N PHE A 203 -14.53 -12.68 6.32
CA PHE A 203 -14.78 -14.11 6.14
C PHE A 203 -15.03 -14.81 7.46
N CYS A 204 -14.48 -14.29 8.56
CA CYS A 204 -14.58 -14.91 9.86
C CYS A 204 -15.35 -14.08 10.88
N GLY A 205 -15.90 -12.94 10.46
CA GLY A 205 -16.72 -12.13 11.37
C GLY A 205 -15.99 -11.61 12.58
N LEU A 206 -14.77 -11.09 12.38
CA LEU A 206 -13.97 -10.60 13.50
C LEU A 206 -14.29 -9.17 13.88
N ALA A 207 -15.08 -8.46 13.07
CA ALA A 207 -15.59 -7.12 13.39
C ALA A 207 -14.45 -6.12 13.61
N TRP A 208 -13.40 -6.25 12.82
CA TRP A 208 -12.31 -5.27 12.86
C TRP A 208 -12.70 -4.03 12.08
N ASP A 209 -12.45 -2.86 12.66
CA ASP A 209 -12.57 -1.64 11.88
C ASP A 209 -11.29 -1.41 11.07
N LYS A 210 -11.33 -0.40 10.19
CA LYS A 210 -10.19 -0.15 9.33
C LYS A 210 -8.93 0.18 10.12
N ASN A 211 -9.08 0.91 11.23
CA ASN A 211 -7.94 1.26 12.06
C ASN A 211 -7.27 0.02 12.62
N GLU A 212 -8.06 -0.90 13.19
CA GLU A 212 -7.46 -2.12 13.71
C GLU A 212 -6.93 -3.01 12.59
N ILE A 213 -7.52 -2.92 11.40
CA ILE A 213 -6.94 -3.63 10.26
C ILE A 213 -5.53 -3.13 9.97
N CYS A 214 -5.35 -1.81 9.98
CA CYS A 214 -4.02 -1.25 9.76
C CYS A 214 -3.07 -1.61 10.89
N GLN A 215 -3.56 -1.65 12.13
CA GLN A 215 -2.71 -2.01 13.26
C GLN A 215 -2.26 -3.47 13.18
N ARG A 216 -3.19 -4.37 12.90
CA ARG A 216 -2.83 -5.77 12.69
C ARG A 216 -1.92 -5.93 11.48
N THR A 217 -2.02 -5.03 10.49
CA THR A 217 -1.10 -5.05 9.37
C THR A 217 0.31 -4.67 9.81
N LEU A 218 0.43 -3.68 10.70
CA LEU A 218 1.75 -3.37 11.27
C LEU A 218 2.30 -4.57 12.03
N VAL A 219 1.45 -5.25 12.79
CA VAL A 219 1.88 -6.47 13.47
C VAL A 219 2.35 -7.51 12.47
N LEU A 220 1.62 -7.66 11.36
CA LEU A 220 2.02 -8.61 10.32
C LEU A 220 3.37 -8.25 9.72
N GLU A 221 3.59 -6.95 9.47
CA GLU A 221 4.90 -6.49 8.99
C GLU A 221 5.99 -6.89 9.98
N GLN A 222 5.71 -6.76 11.27
CA GLN A 222 6.69 -7.18 12.27
C GLN A 222 6.90 -8.70 12.25
N LEU A 223 5.86 -9.46 11.90
CA LEU A 223 5.99 -10.92 11.85
C LEU A 223 6.94 -11.35 10.75
N LEU A 224 6.77 -10.80 9.55
CA LEU A 224 7.64 -11.14 8.41
C LEU A 224 8.99 -10.44 8.48
N THR A 225 9.27 -9.71 9.56
CA THR A 225 10.53 -9.01 9.77
C THR A 225 10.87 -8.06 8.62
N THR A 226 9.84 -7.49 8.00
CA THR A 226 10.08 -6.53 6.93
C THR A 226 10.62 -5.20 7.46
N GLY A 227 10.39 -4.91 8.74
CA GLY A 227 10.83 -3.64 9.30
C GLY A 227 10.23 -2.43 8.61
N GLY A 228 9.06 -2.57 8.01
CA GLY A 228 8.47 -1.48 7.25
C GLY A 228 7.70 -0.51 8.12
N GLY A 229 7.50 0.68 7.56
CA GLY A 229 6.75 1.71 8.24
C GLY A 229 5.26 1.40 8.28
N TRP A 230 4.48 2.42 8.65
CA TRP A 230 3.04 2.30 8.73
C TRP A 230 2.31 3.17 7.72
N GLN A 231 3.04 3.88 6.85
CA GLN A 231 2.40 4.81 5.93
C GLN A 231 1.51 4.09 4.90
N ASP A 232 1.99 2.94 4.39
CA ASP A 232 1.36 2.34 3.21
C ASP A 232 -0.06 1.86 3.51
N GLN A 233 -0.24 1.14 4.62
CA GLN A 233 -1.56 0.58 4.90
C GLN A 233 -2.60 1.66 5.18
N TYR A 234 -2.20 2.72 5.89
CA TYR A 234 -3.14 3.81 6.12
C TYR A 234 -3.40 4.61 4.85
N GLY A 235 -2.41 4.69 3.96
CA GLY A 235 -2.62 5.36 2.69
C GLY A 235 -3.58 4.60 1.78
N GLY A 236 -3.52 3.28 1.81
CA GLY A 236 -4.35 2.48 0.92
C GLY A 236 -5.71 2.13 1.47
N VAL A 237 -5.78 1.73 2.74
CA VAL A 237 -7.03 1.25 3.33
C VAL A 237 -8.00 2.42 3.55
N LEU A 238 -7.49 3.56 3.97
CA LEU A 238 -8.32 4.72 4.24
C LEU A 238 -8.46 5.56 2.98
N GLN A 239 -9.70 5.96 2.67
CA GLN A 239 -9.98 6.69 1.45
C GLN A 239 -9.41 8.10 1.50
N GLY A 240 -9.26 8.69 0.32
CA GLY A 240 -8.97 10.10 0.22
C GLY A 240 -7.52 10.48 0.52
N VAL A 241 -7.35 11.74 0.87
CA VAL A 241 -6.05 12.34 1.17
C VAL A 241 -5.92 12.46 2.68
N LYS A 242 -4.80 12.00 3.24
CA LYS A 242 -4.64 11.97 4.68
C LYS A 242 -3.29 12.54 5.10
N LEU A 243 -3.30 13.22 6.25
CA LEU A 243 -2.12 13.47 7.05
C LEU A 243 -2.12 12.48 8.21
N LEU A 244 -0.99 11.82 8.43
CA LEU A 244 -0.85 10.80 9.47
C LEU A 244 0.27 11.21 10.39
N GLN A 245 0.02 11.18 11.70
CA GLN A 245 0.99 11.65 12.68
C GLN A 245 1.10 10.68 13.84
N THR A 246 2.34 10.45 14.28
CA THR A 246 2.61 9.68 15.49
C THR A 246 3.52 10.49 16.40
N GLU A 247 3.48 10.13 17.68
CA GLU A 247 4.38 10.70 18.68
C GLU A 247 5.55 9.77 18.91
N ALA A 248 6.43 10.14 19.83
CA ALA A 248 7.54 9.28 20.21
C ALA A 248 7.03 8.08 21.00
N GLY A 249 7.64 6.93 20.76
CA GLY A 249 7.28 5.71 21.45
C GLY A 249 7.28 4.52 20.52
N PHE A 250 7.33 3.32 21.11
CA PHE A 250 7.26 2.10 20.32
C PHE A 250 5.86 1.89 19.75
N ALA A 251 4.83 2.30 20.49
CA ALA A 251 3.46 2.27 19.97
C ALA A 251 3.34 3.30 18.85
N GLN A 252 3.09 2.82 17.63
CA GLN A 252 3.02 3.67 16.45
C GLN A 252 1.66 3.48 15.78
N SER A 253 0.60 3.91 16.47
CA SER A 253 -0.74 3.91 15.91
C SER A 253 -1.05 5.31 15.40
N PRO A 254 -1.01 5.55 14.09
CA PRO A 254 -1.09 6.93 13.59
C PRO A 254 -2.46 7.57 13.82
N LEU A 255 -2.41 8.84 14.22
CA LEU A 255 -3.58 9.71 14.19
C LEU A 255 -3.80 10.21 12.77
N VAL A 256 -5.05 10.16 12.33
CA VAL A 256 -5.44 10.41 10.95
C VAL A 256 -6.23 11.71 10.87
N ARG A 257 -5.82 12.61 9.99
CA ARG A 257 -6.55 13.84 9.70
C ARG A 257 -6.77 13.92 8.20
N TRP A 258 -8.03 13.84 7.77
CA TRP A 258 -8.33 13.89 6.35
C TRP A 258 -8.19 15.31 5.82
N LEU A 259 -7.84 15.41 4.55
CA LEU A 259 -7.69 16.66 3.83
C LEU A 259 -8.71 16.75 2.70
N PRO A 260 -9.08 17.96 2.29
CA PRO A 260 -9.95 18.08 1.11
C PRO A 260 -9.23 17.58 -0.13
N ASP A 261 -10.01 16.96 -1.02
CA ASP A 261 -9.48 16.39 -2.25
C ASP A 261 -9.70 17.31 -3.45
N HIS A 262 -9.85 18.61 -3.22
CA HIS A 262 -10.13 19.55 -4.31
C HIS A 262 -9.01 19.54 -5.34
N LEU A 263 -7.75 19.62 -4.87
CA LEU A 263 -6.61 19.66 -5.78
C LEU A 263 -6.43 18.38 -6.58
N PHE A 264 -7.16 17.31 -6.25
CA PHE A 264 -7.03 16.04 -6.96
C PHE A 264 -8.27 15.64 -7.73
N THR A 265 -9.45 16.11 -7.32
CA THR A 265 -10.71 15.71 -7.95
C THR A 265 -11.33 16.77 -8.84
N HIS A 266 -11.00 18.04 -8.64
CA HIS A 266 -11.63 19.09 -9.44
C HIS A 266 -11.13 19.03 -10.89
N PRO A 267 -12.01 19.24 -11.86
CA PRO A 267 -11.59 19.12 -13.27
C PRO A 267 -10.53 20.13 -13.68
N GLU A 268 -10.35 21.22 -12.94
CA GLU A 268 -9.28 22.16 -13.25
C GLU A 268 -7.91 21.49 -13.09
N TYR A 269 -7.73 20.73 -12.00
CA TYR A 269 -6.43 20.17 -11.68
C TYR A 269 -6.33 18.67 -11.88
N LYS A 270 -7.46 17.97 -12.06
CA LYS A 270 -7.43 16.51 -12.09
C LYS A 270 -6.54 15.98 -13.20
N ASP A 271 -6.61 16.59 -14.38
CA ASP A 271 -5.83 16.14 -15.53
C ASP A 271 -4.36 16.54 -15.46
N CYS A 272 -3.95 17.25 -14.41
CA CYS A 272 -2.55 17.64 -14.23
C CYS A 272 -1.75 16.64 -13.42
N HIS A 273 -2.39 15.64 -12.82
CA HIS A 273 -1.69 14.60 -12.09
C HIS A 273 -1.39 13.44 -13.04
N LEU A 274 -0.11 13.16 -13.25
CA LEU A 274 0.30 12.11 -14.17
C LEU A 274 1.08 11.04 -13.44
N LEU A 275 0.79 9.79 -13.77
CA LEU A 275 1.53 8.63 -13.26
C LEU A 275 2.07 7.86 -14.45
N TYR A 276 3.37 7.58 -14.43
CA TYR A 276 4.06 7.00 -15.58
C TYR A 276 4.81 5.76 -15.14
N TYR A 277 4.41 4.60 -15.65
CA TYR A 277 5.19 3.39 -15.45
C TYR A 277 6.38 3.42 -16.41
N THR A 278 7.58 3.36 -15.86
CA THR A 278 8.81 3.56 -16.62
C THR A 278 9.41 2.27 -17.14
N GLY A 279 8.94 1.11 -16.69
CA GLY A 279 9.52 -0.15 -17.13
C GLY A 279 10.89 -0.43 -16.55
N ILE A 280 11.17 0.07 -15.35
CA ILE A 280 12.44 -0.15 -14.67
C ILE A 280 12.25 -1.22 -13.62
N THR A 281 13.17 -2.17 -13.55
CA THR A 281 13.08 -3.30 -12.64
C THR A 281 13.95 -3.08 -11.41
N ARG A 282 13.49 -3.59 -10.28
CA ARG A 282 14.24 -3.53 -9.03
C ARG A 282 13.87 -4.69 -8.13
N LEU A 301 23.26 13.49 12.03
CA LEU A 301 23.28 14.49 10.97
C LEU A 301 22.13 14.23 10.00
N HIS A 302 21.92 12.94 9.69
CA HIS A 302 20.72 12.53 8.97
C HIS A 302 19.46 12.83 9.77
N LEU A 303 19.57 12.95 11.09
CA LEU A 303 18.41 13.29 11.92
C LEU A 303 17.86 14.67 11.56
N ASN A 304 18.75 15.62 11.27
CA ASN A 304 18.30 16.95 10.85
C ASN A 304 17.46 16.87 9.59
N LEU A 305 17.86 16.02 8.64
CA LEU A 305 17.10 15.87 7.41
C LEU A 305 15.72 15.28 7.68
N LEU A 306 15.61 14.33 8.62
CA LEU A 306 14.31 13.74 8.91
C LEU A 306 13.41 14.72 9.65
N SER A 307 13.98 15.57 10.52
CA SER A 307 13.20 16.65 11.10
C SER A 307 12.71 17.61 10.03
N GLU A 308 13.57 17.93 9.06
CA GLU A 308 13.15 18.75 7.93
C GLU A 308 12.02 18.08 7.15
N MET A 309 12.08 16.75 7.01
CA MET A 309 11.05 16.03 6.28
C MET A 309 9.71 16.08 7.01
N LYS A 310 9.73 15.98 8.35
CA LYS A 310 8.52 16.17 9.13
C LYS A 310 7.93 17.57 8.91
N ALA A 311 8.77 18.60 9.05
CA ALA A 311 8.30 19.97 8.85
C ALA A 311 7.77 20.16 7.43
N HIS A 312 8.39 19.50 6.45
CA HIS A 312 7.94 19.61 5.08
C HIS A 312 6.61 18.90 4.86
N ALA A 313 6.39 17.79 5.56
CA ALA A 313 5.06 17.15 5.54
C ALA A 313 4.00 18.10 6.07
N LEU A 314 4.32 18.84 7.14
CA LEU A 314 3.37 19.82 7.65
C LEU A 314 3.16 20.96 6.65
N ASP A 315 4.21 21.36 5.94
CA ASP A 315 4.06 22.38 4.90
C ASP A 315 3.16 21.90 3.77
N MET A 316 3.32 20.64 3.36
CA MET A 316 2.44 20.06 2.35
C MET A 316 1.00 20.02 2.84
N ASN A 317 0.80 19.67 4.11
CA ASN A 317 -0.53 19.70 4.69
C ASN A 317 -1.13 21.10 4.60
N GLU A 318 -0.34 22.13 4.91
CA GLU A 318 -0.82 23.50 4.79
C GLU A 318 -1.21 23.84 3.36
N ALA A 319 -0.34 23.50 2.40
CA ALA A 319 -0.60 23.84 1.01
C ALA A 319 -1.87 23.14 0.51
N ILE A 320 -2.11 21.90 0.94
CA ILE A 320 -3.30 21.20 0.49
C ILE A 320 -4.55 21.77 1.17
N GLN A 321 -4.45 22.10 2.46
CA GLN A 321 -5.57 22.75 3.14
C GLN A 321 -5.98 24.04 2.44
N ARG A 322 -4.99 24.85 2.08
CA ARG A 322 -5.28 26.16 1.49
C ARG A 322 -5.64 26.07 0.00
N GLY A 323 -5.59 24.89 -0.59
CA GLY A 323 -5.95 24.74 -1.99
C GLY A 323 -5.00 25.40 -2.97
N SER A 324 -3.71 25.44 -2.64
CA SER A 324 -2.70 26.08 -3.48
C SER A 324 -2.05 25.00 -4.34
N PHE A 325 -2.47 24.92 -5.61
CA PHE A 325 -1.97 23.89 -6.51
C PHE A 325 -0.50 24.10 -6.83
N VAL A 326 -0.10 25.35 -7.11
CA VAL A 326 1.29 25.62 -7.45
C VAL A 326 2.21 25.28 -6.29
N GLU A 327 1.83 25.67 -5.08
CA GLU A 327 2.62 25.33 -3.90
C GLU A 327 2.65 23.83 -3.69
N PHE A 328 1.53 23.14 -3.95
CA PHE A 328 1.50 21.69 -3.81
C PHE A 328 2.52 21.02 -4.74
N GLY A 329 2.55 21.45 -6.00
CA GLY A 329 3.52 20.88 -6.93
C GLY A 329 4.95 21.19 -6.55
N ARG A 330 5.22 22.44 -6.16
CA ARG A 330 6.56 22.80 -5.70
C ARG A 330 6.98 21.95 -4.51
N LEU A 331 6.03 21.64 -3.61
CA LEU A 331 6.36 20.86 -2.43
C LEU A 331 6.56 19.39 -2.77
N VAL A 332 5.87 18.88 -3.78
CA VAL A 332 6.18 17.54 -4.26
C VAL A 332 7.60 17.48 -4.81
N GLY A 333 7.99 18.52 -5.56
CA GLY A 333 9.37 18.61 -6.01
C GLY A 333 10.36 18.65 -4.85
N LYS A 334 10.03 19.40 -3.81
CA LYS A 334 10.92 19.47 -2.64
C LYS A 334 11.00 18.14 -1.92
N THR A 335 9.88 17.39 -1.87
CA THR A 335 9.92 16.05 -1.31
C THR A 335 10.84 15.14 -2.11
N TRP A 336 10.81 15.27 -3.44
CA TRP A 336 11.75 14.51 -4.27
C TRP A 336 13.19 14.87 -3.94
N GLU A 337 13.46 16.17 -3.78
CA GLU A 337 14.82 16.60 -3.43
C GLU A 337 15.25 16.02 -2.09
N GLN A 338 14.34 16.01 -1.10
CA GLN A 338 14.67 15.45 0.20
C GLN A 338 14.95 13.94 0.10
N ASN A 339 14.13 13.22 -0.66
CA ASN A 339 14.37 11.79 -0.81
C ASN A 339 15.70 11.51 -1.50
N LYS A 340 16.05 12.32 -2.51
CA LYS A 340 17.36 12.17 -3.15
C LYS A 340 18.49 12.48 -2.17
N ALA A 341 18.28 13.45 -1.28
CA ALA A 341 19.30 13.79 -0.30
C ALA A 341 19.47 12.70 0.75
N LEU A 342 18.40 11.94 1.02
CA LEU A 342 18.48 10.94 2.09
C LEU A 342 19.24 9.70 1.67
N ASP A 343 19.01 9.20 0.46
CA ASP A 343 19.59 7.94 0.02
C ASP A 343 20.22 8.11 -1.36
N SER A 344 21.23 7.27 -1.63
CA SER A 344 21.94 7.36 -2.91
C SER A 344 21.19 6.65 -4.03
N GLY A 345 20.54 5.54 -3.72
CA GLY A 345 19.88 4.74 -4.75
C GLY A 345 18.44 5.13 -5.03
N THR A 346 18.05 6.34 -4.63
CA THR A 346 16.68 6.79 -4.86
C THR A 346 16.45 7.16 -6.32
N ASN A 347 17.46 7.71 -6.99
CA ASN A 347 17.34 8.23 -8.35
C ASN A 347 18.29 7.47 -9.26
N PRO A 348 17.88 6.30 -9.74
CA PRO A 348 18.71 5.59 -10.73
C PRO A 348 18.81 6.39 -12.00
N PRO A 349 19.86 6.16 -12.80
CA PRO A 349 20.09 7.03 -13.97
C PRO A 349 18.98 7.03 -15.00
N ALA A 350 18.25 5.91 -15.16
CA ALA A 350 17.14 5.91 -16.10
C ALA A 350 16.03 6.85 -15.65
N VAL A 351 15.77 6.90 -14.34
CA VAL A 351 14.75 7.81 -13.82
C VAL A 351 15.13 9.26 -14.10
N GLU A 352 16.40 9.60 -13.88
CA GLU A 352 16.85 10.97 -14.16
C GLU A 352 16.79 11.27 -15.65
N ALA A 353 17.10 10.28 -16.50
CA ALA A 353 16.98 10.47 -17.94
C ALA A 353 15.55 10.76 -18.34
N ILE A 354 14.58 10.11 -17.68
CA ILE A 354 13.18 10.42 -17.93
C ILE A 354 12.85 11.82 -17.43
N ILE A 355 13.36 12.17 -16.24
CA ILE A 355 13.02 13.45 -15.62
C ILE A 355 13.52 14.61 -16.46
N ASP A 356 14.68 14.45 -17.10
CA ASP A 356 15.24 15.54 -17.89
C ASP A 356 14.42 15.84 -19.13
N LEU A 357 13.60 14.89 -19.58
CA LEU A 357 12.81 15.12 -20.78
C LEU A 357 11.62 16.04 -20.51
N ILE A 358 11.12 16.08 -19.28
CA ILE A 358 9.85 16.73 -19.01
C ILE A 358 9.90 17.66 -17.79
N LYS A 359 11.08 17.86 -17.21
CA LYS A 359 11.18 18.69 -16.02
C LYS A 359 10.73 20.13 -16.25
N ASP A 360 10.77 20.62 -17.48
CA ASP A 360 10.45 22.01 -17.76
C ASP A 360 8.95 22.28 -17.83
N TYR A 361 8.12 21.24 -17.76
CA TYR A 361 6.67 21.41 -17.83
C TYR A 361 5.98 21.02 -16.53
N THR A 362 6.74 20.73 -15.47
CA THR A 362 6.18 20.25 -14.23
C THR A 362 6.41 21.26 -13.11
N LEU A 363 5.47 21.29 -12.16
CA LEU A 363 5.71 21.98 -10.90
C LEU A 363 6.53 21.11 -9.97
N GLY A 364 6.39 19.80 -10.08
CA GLY A 364 7.15 18.87 -9.24
C GLY A 364 6.96 17.45 -9.73
N TYR A 365 7.73 16.56 -9.14
CA TYR A 365 7.68 15.14 -9.47
C TYR A 365 8.37 14.38 -8.35
N LYS A 366 8.11 13.08 -8.30
CA LYS A 366 8.77 12.22 -7.34
C LYS A 366 8.51 10.77 -7.73
N LEU A 367 9.16 9.86 -7.00
CA LEU A 367 8.82 8.45 -7.08
C LEU A 367 8.01 8.07 -5.86
N PRO A 368 6.96 7.27 -6.00
CA PRO A 368 6.19 6.86 -4.83
C PRO A 368 7.00 5.97 -3.91
N GLY A 369 6.90 6.26 -2.61
CA GLY A 369 7.56 5.42 -1.62
C GLY A 369 9.05 5.38 -1.81
N ALA A 370 9.66 4.21 -1.52
CA ALA A 370 11.09 4.05 -1.75
C ALA A 370 11.42 4.11 -3.24
N GLY A 371 10.53 3.59 -4.08
CA GLY A 371 10.65 3.72 -5.51
C GLY A 371 11.77 2.92 -6.13
N GLY A 372 12.92 3.57 -6.35
CA GLY A 372 14.00 2.94 -7.09
C GLY A 372 13.68 2.70 -8.55
N GLY A 373 12.69 3.39 -9.10
CA GLY A 373 12.26 3.20 -10.47
C GLY A 373 10.87 2.58 -10.54
N GLY A 374 10.41 2.42 -11.77
CA GLY A 374 9.11 1.82 -12.01
C GLY A 374 8.02 2.82 -12.28
N TYR A 375 7.53 3.47 -11.22
CA TYR A 375 6.47 4.46 -11.32
C TYR A 375 7.01 5.85 -10.99
N LEU A 376 6.55 6.84 -11.74
CA LEU A 376 6.96 8.22 -11.58
C LEU A 376 5.72 9.10 -11.51
N TYR A 377 5.58 9.84 -10.42
CA TYR A 377 4.46 10.77 -10.23
C TYR A 377 4.93 12.16 -10.65
N MET A 378 4.11 12.83 -11.47
CA MET A 378 4.43 14.16 -11.99
C MET A 378 3.23 15.07 -11.82
N VAL A 379 3.49 16.33 -11.48
CA VAL A 379 2.47 17.35 -11.35
C VAL A 379 2.71 18.35 -12.47
N ALA A 380 1.90 18.27 -13.52
CA ALA A 380 2.04 19.19 -14.64
C ALA A 380 1.57 20.58 -14.23
N LYS A 381 2.12 21.60 -14.90
CA LYS A 381 1.74 22.98 -14.60
C LYS A 381 0.29 23.24 -14.98
N ASP A 382 -0.17 22.66 -16.07
CA ASP A 382 -1.52 22.91 -16.58
C ASP A 382 -1.87 21.79 -17.56
N PRO A 383 -3.14 21.66 -17.94
CA PRO A 383 -3.52 20.60 -18.90
C PRO A 383 -2.72 20.63 -20.20
N GLN A 384 -2.40 21.82 -20.72
CA GLN A 384 -1.58 21.90 -21.92
C GLN A 384 -0.21 21.26 -21.68
N ALA A 385 0.40 21.56 -20.53
CA ALA A 385 1.67 20.93 -20.17
C ALA A 385 1.51 19.43 -19.99
N ALA A 386 0.33 18.98 -19.53
CA ALA A 386 0.10 17.54 -19.41
C ALA A 386 0.07 16.87 -20.77
N VAL A 387 -0.61 17.49 -21.75
CA VAL A 387 -0.59 16.97 -23.11
C VAL A 387 0.82 16.95 -23.65
N ARG A 388 1.60 17.99 -23.36
CA ARG A 388 2.97 18.05 -23.83
C ARG A 388 3.82 16.93 -23.23
N ILE A 389 3.63 16.65 -21.93
CA ILE A 389 4.38 15.59 -21.27
C ILE A 389 4.00 14.23 -21.84
N ARG A 390 2.70 14.01 -22.08
CA ARG A 390 2.28 12.76 -22.69
C ARG A 390 2.89 12.59 -24.07
N LYS A 391 2.90 13.68 -24.87
CA LYS A 391 3.59 13.66 -26.15
C LYS A 391 5.04 13.23 -26.00
N ILE A 392 5.79 13.93 -25.15
CA ILE A 392 7.23 13.70 -25.05
C ILE A 392 7.52 12.27 -24.61
N LEU A 393 6.85 11.81 -23.54
CA LEU A 393 7.13 10.47 -23.04
C LEU A 393 6.55 9.37 -23.91
N THR A 394 5.61 9.69 -24.81
CA THR A 394 5.19 8.69 -25.79
C THR A 394 6.13 8.65 -26.98
N GLU A 395 6.67 9.80 -27.38
CA GLU A 395 7.62 9.88 -28.47
C GLU A 395 9.04 9.56 -28.06
N ASN A 396 9.31 9.42 -26.75
CA ASN A 396 10.64 9.14 -26.24
C ASN A 396 10.54 8.14 -25.08
N ALA A 397 9.94 7.00 -25.36
CA ALA A 397 9.76 5.96 -24.34
C ALA A 397 11.12 5.40 -23.91
N PRO A 398 11.51 5.54 -22.64
CA PRO A 398 12.79 4.98 -22.20
C PRO A 398 12.78 3.46 -22.12
N ASN A 399 11.64 2.82 -22.34
CA ASN A 399 11.53 1.37 -22.30
C ASN A 399 10.30 0.99 -23.11
N PRO A 400 10.32 -0.11 -23.85
CA PRO A 400 9.13 -0.51 -24.61
C PRO A 400 7.90 -0.74 -23.75
N ARG A 401 8.08 -1.05 -22.46
CA ARG A 401 6.97 -1.31 -21.56
C ARG A 401 6.49 -0.06 -20.83
N ALA A 402 7.11 1.08 -21.07
CA ALA A 402 6.72 2.31 -20.40
C ALA A 402 5.40 2.83 -20.95
N ARG A 403 4.52 3.27 -20.05
CA ARG A 403 3.21 3.78 -20.47
C ARG A 403 2.60 4.56 -19.31
N PHE A 404 1.61 5.37 -19.64
CA PHE A 404 0.90 6.14 -18.62
C PHE A 404 -0.16 5.29 -17.93
N VAL A 405 -0.41 5.59 -16.66
CA VAL A 405 -1.42 4.91 -15.85
C VAL A 405 -2.35 5.97 -15.30
N GLU A 406 -3.63 5.87 -15.62
CA GLU A 406 -4.61 6.81 -15.09
C GLU A 406 -4.87 6.52 -13.62
N MET A 407 -4.65 7.52 -12.78
CA MET A 407 -4.88 7.40 -11.34
C MET A 407 -6.04 8.29 -10.93
N THR A 408 -6.97 7.74 -10.17
CA THR A 408 -8.09 8.49 -9.64
C THR A 408 -8.10 8.37 -8.12
N LEU A 409 -8.49 9.45 -7.45
CA LEU A 409 -8.62 9.40 -6.01
C LEU A 409 -9.68 8.38 -5.62
N SER A 410 -9.35 7.51 -4.66
CA SER A 410 -10.28 6.54 -4.15
C SER A 410 -11.06 7.14 -2.99
N ASP A 411 -12.38 7.24 -3.15
CA ASP A 411 -13.26 7.64 -2.07
C ASP A 411 -13.79 6.43 -1.29
N LYS A 412 -13.24 5.25 -1.54
CA LYS A 412 -13.66 4.02 -0.88
C LYS A 412 -12.61 3.44 0.04
N GLY A 413 -11.33 3.55 -0.31
CA GLY A 413 -10.31 2.84 0.43
C GLY A 413 -10.50 1.34 0.28
N PHE A 414 -10.15 0.59 1.32
CA PHE A 414 -10.41 -0.84 1.32
C PHE A 414 -11.91 -1.10 1.35
N GLN A 415 -12.37 -1.94 0.44
CA GLN A 415 -13.78 -2.33 0.37
C GLN A 415 -13.87 -3.84 0.29
N VAL A 416 -14.94 -4.38 0.85
CA VAL A 416 -15.13 -5.83 0.90
C VAL A 416 -16.60 -6.14 0.74
N SER A 417 -16.89 -7.17 -0.05
CA SER A 417 -18.27 -7.56 -0.32
C SER A 417 -18.34 -9.08 -0.48
N ARG A 418 -19.55 -9.58 -0.64
CA ARG A 418 -19.81 -11.01 -0.75
C ARG A 418 -20.64 -11.27 -1.99
N SER A 419 -20.57 -12.51 -2.47
CA SER A 419 -21.32 -12.91 -3.66
C SER A 419 -22.59 -13.65 -3.28
#